data_1JOE
#
_entry.id   1JOE
#
_cell.length_a   115.530
_cell.length_b   115.530
_cell.length_c   51.230
_cell.angle_alpha   90.00
_cell.angle_beta   90.00
_cell.angle_gamma   90.00
#
_symmetry.space_group_name_H-M   'P 42'
#
loop_
_entity.id
_entity.type
_entity.pdbx_description
1 polymer 'AUTOINDUCER-2 PRODUCTION PROTEIN'
2 non-polymer 'MERCURY (II) ION'
3 non-polymer 'ZINC ION'
4 water water
#
_entity_poly.entity_id   1
_entity_poly.type   'polypeptide(L)'
_entity_poly.pdbx_seq_one_letter_code
;MPLLDSFKVDHTKMNAPAVRIAKTMLTPKGDNITVFDLRFCIPNKEILSPKGIHTLEHLFAGFMRDHLNGDSIEIIDISP
MGCRTGFYMSLIGTPNEQKVSEAWLASMQDVLGVQDQASIPELNIYQCGSYTEHSLEDAHEIAKNVIARGIGVNKNEDLS
LDNSLLK
;
_entity_poly.pdbx_strand_id   A,B,C,D
#
loop_
_chem_comp.id
_chem_comp.type
_chem_comp.name
_chem_comp.formula
HG non-polymer 'MERCURY (II) ION' 'Hg 2'
ZN non-polymer 'ZINC ION' 'Zn 2'
#
# COMPACT_ATOMS: atom_id res chain seq x y z
N VAL A 9 1.23 -21.73 -3.77
CA VAL A 9 0.56 -22.72 -2.91
C VAL A 9 1.16 -22.72 -1.51
N ASP A 10 0.32 -22.69 -0.48
CA ASP A 10 0.82 -22.68 0.89
C ASP A 10 1.22 -24.09 1.30
N HIS A 11 2.54 -24.31 1.37
CA HIS A 11 3.02 -25.64 1.71
C HIS A 11 2.55 -26.01 3.12
N THR A 12 2.67 -25.05 4.02
CA THR A 12 2.30 -25.20 5.42
C THR A 12 0.96 -25.92 5.61
N LYS A 13 0.01 -25.68 4.71
CA LYS A 13 -1.29 -26.35 4.86
C LYS A 13 -1.28 -27.74 4.26
N MET A 14 -0.21 -28.10 3.56
CA MET A 14 -0.19 -29.38 2.85
C MET A 14 -0.12 -30.57 3.78
N ASN A 15 -0.69 -31.68 3.30
CA ASN A 15 -0.70 -32.94 4.02
C ASN A 15 0.03 -34.03 3.23
N ALA A 16 0.75 -34.90 3.93
CA ALA A 16 1.51 -35.98 3.32
C ALA A 16 1.52 -37.24 4.17
N PRO A 17 1.54 -38.44 3.63
CA PRO A 17 1.41 -38.79 2.22
C PRO A 17 0.06 -38.38 1.61
N ALA A 18 0.12 -37.82 0.40
CA ALA A 18 -1.06 -37.33 -0.28
C ALA A 18 -0.78 -36.97 -1.74
N VAL A 19 -1.73 -37.30 -2.60
CA VAL A 19 -1.69 -36.94 -4.02
C VAL A 19 -2.33 -35.58 -4.24
N ARG A 20 -1.55 -34.61 -4.74
CA ARG A 20 -2.12 -33.31 -5.09
C ARG A 20 -2.01 -33.09 -6.60
N ILE A 21 -2.92 -32.28 -7.15
CA ILE A 21 -2.87 -32.01 -8.59
C ILE A 21 -2.28 -30.63 -8.83
N ALA A 22 -1.14 -30.63 -9.54
CA ALA A 22 -0.44 -29.36 -9.72
C ALA A 22 -0.58 -28.80 -11.12
N LYS A 23 -1.01 -29.58 -12.12
CA LYS A 23 -1.08 -28.98 -13.45
C LYS A 23 -1.76 -29.85 -14.50
N THR A 24 -2.60 -29.24 -15.31
CA THR A 24 -3.26 -29.84 -16.45
C THR A 24 -3.02 -29.03 -17.73
N MET A 25 -2.55 -29.69 -18.79
CA MET A 25 -2.11 -29.02 -20.00
C MET A 25 -3.04 -29.23 -21.19
N LEU A 26 -3.33 -28.14 -21.88
CA LEU A 26 -4.15 -28.13 -23.07
C LEU A 26 -3.29 -27.96 -24.33
N THR A 27 -3.00 -29.08 -24.97
CA THR A 27 -2.23 -29.15 -26.19
C THR A 27 -3.12 -28.86 -27.40
N PRO A 28 -2.66 -27.98 -28.26
CA PRO A 28 -3.36 -27.47 -29.44
C PRO A 28 -4.32 -28.47 -30.09
N LYS A 29 -3.93 -29.73 -30.18
CA LYS A 29 -4.75 -30.74 -30.84
C LYS A 29 -5.93 -31.17 -29.97
N GLY A 30 -5.90 -30.86 -28.68
CA GLY A 30 -7.00 -31.22 -27.79
C GLY A 30 -6.56 -31.92 -26.52
N ASP A 31 -5.97 -33.10 -26.61
CA ASP A 31 -5.61 -33.95 -25.49
C ASP A 31 -4.99 -33.16 -24.34
N ASN A 32 -5.39 -33.50 -23.12
CA ASN A 32 -4.95 -32.78 -21.94
C ASN A 32 -3.85 -33.55 -21.21
N ILE A 33 -2.82 -32.80 -20.83
CA ILE A 33 -1.71 -33.37 -20.08
C ILE A 33 -1.92 -33.14 -18.59
N THR A 34 -1.47 -34.08 -17.76
CA THR A 34 -1.68 -33.90 -16.32
C THR A 34 -0.39 -34.08 -15.54
N VAL A 35 -0.13 -33.15 -14.62
CA VAL A 35 1.04 -33.21 -13.76
C VAL A 35 0.61 -33.26 -12.29
N PHE A 36 1.05 -34.30 -11.61
CA PHE A 36 0.68 -34.61 -10.24
C PHE A 36 1.81 -34.44 -9.24
N ASP A 37 1.54 -33.62 -8.22
CA ASP A 37 2.39 -33.50 -7.04
C ASP A 37 2.10 -34.70 -6.13
N LEU A 38 3.10 -35.58 -5.99
CA LEU A 38 2.95 -36.72 -5.08
C LEU A 38 3.83 -36.48 -3.85
N ARG A 39 3.20 -36.01 -2.78
CA ARG A 39 3.85 -35.52 -1.57
C ARG A 39 4.07 -36.58 -0.51
N PHE A 40 5.32 -37.02 -0.31
CA PHE A 40 5.62 -38.04 0.69
C PHE A 40 5.81 -37.45 2.08
N CYS A 41 6.37 -36.24 2.17
CA CYS A 41 6.67 -35.68 3.49
C CYS A 41 6.04 -34.33 3.74
N ILE A 42 5.87 -34.02 5.02
CA ILE A 42 5.35 -32.69 5.36
C ILE A 42 6.49 -31.69 5.17
N PRO A 43 6.25 -30.64 4.39
CA PRO A 43 7.35 -29.75 4.00
C PRO A 43 8.05 -29.17 5.22
N ASN A 44 9.36 -29.30 5.25
CA ASN A 44 10.16 -28.73 6.34
C ASN A 44 9.94 -29.45 7.66
N LYS A 45 9.15 -30.52 7.65
CA LYS A 45 8.89 -31.30 8.86
C LYS A 45 9.54 -32.68 8.75
N GLU A 46 9.54 -33.22 7.54
CA GLU A 46 10.08 -34.53 7.21
C GLU A 46 10.59 -34.56 5.77
N ILE A 47 11.64 -35.32 5.48
CA ILE A 47 12.14 -35.30 4.09
C ILE A 47 12.79 -36.62 3.67
N LEU A 48 13.06 -36.80 2.39
CA LEU A 48 13.60 -38.02 1.81
C LEU A 48 15.12 -38.08 1.76
N SER A 49 15.67 -39.28 1.95
CA SER A 49 17.08 -39.54 1.80
C SER A 49 17.51 -39.49 0.33
N PRO A 50 18.52 -38.67 0.06
CA PRO A 50 19.12 -38.60 -1.27
C PRO A 50 19.36 -39.97 -1.88
N LYS A 51 20.05 -40.85 -1.14
CA LYS A 51 20.34 -42.19 -1.64
C LYS A 51 19.07 -43.04 -1.78
N GLY A 52 18.05 -42.70 -1.01
CA GLY A 52 16.80 -43.43 -1.01
C GLY A 52 15.83 -43.03 -2.09
N ILE A 53 15.77 -41.75 -2.47
CA ILE A 53 14.80 -41.42 -3.52
C ILE A 53 15.27 -42.01 -4.84
N HIS A 54 16.59 -41.99 -5.05
CA HIS A 54 17.13 -42.60 -6.27
C HIS A 54 16.68 -44.06 -6.31
N THR A 55 17.04 -44.77 -5.24
CA THR A 55 16.69 -46.17 -5.11
C THR A 55 15.20 -46.35 -5.33
N LEU A 56 14.44 -45.46 -4.68
CA LEU A 56 12.99 -45.52 -4.83
C LEU A 56 12.56 -45.00 -6.20
N GLU A 57 13.49 -44.38 -6.92
CA GLU A 57 13.16 -43.82 -8.23
C GLU A 57 13.17 -44.86 -9.33
N HIS A 58 14.07 -45.85 -9.27
CA HIS A 58 14.05 -46.86 -10.34
C HIS A 58 12.89 -47.83 -10.10
N LEU A 59 12.37 -47.86 -8.87
CA LEU A 59 11.32 -48.81 -8.51
C LEU A 59 9.93 -48.29 -8.88
N PHE A 60 9.50 -47.26 -8.16
CA PHE A 60 8.29 -46.48 -8.29
C PHE A 60 7.81 -46.34 -9.74
N ALA A 61 8.59 -45.60 -10.51
CA ALA A 61 8.31 -45.30 -11.90
C ALA A 61 7.81 -46.52 -12.68
N GLY A 62 8.51 -47.65 -12.51
CA GLY A 62 8.12 -48.85 -13.22
C GLY A 62 6.80 -49.41 -12.69
N PHE A 63 6.84 -49.89 -11.46
CA PHE A 63 5.70 -50.42 -10.72
C PHE A 63 4.43 -49.59 -10.98
N MET A 64 4.58 -48.27 -10.91
CA MET A 64 3.47 -47.36 -11.16
C MET A 64 2.77 -47.73 -12.47
N ARG A 65 3.48 -47.56 -13.57
CA ARG A 65 3.00 -47.88 -14.91
C ARG A 65 2.39 -49.28 -14.98
N ASP A 66 2.82 -50.19 -14.15
CA ASP A 66 2.30 -51.55 -14.06
C ASP A 66 0.99 -51.59 -13.29
N HIS A 67 0.56 -50.43 -12.81
CA HIS A 67 -0.72 -50.30 -12.11
C HIS A 67 -1.48 -49.10 -12.66
N LEU A 68 -0.83 -48.42 -13.60
CA LEU A 68 -1.40 -47.23 -14.23
C LEU A 68 -1.02 -47.18 -15.70
N ASN A 69 -1.56 -46.23 -16.45
CA ASN A 69 -1.36 -46.13 -17.89
C ASN A 69 -2.18 -47.16 -18.63
N GLY A 70 -3.05 -46.73 -19.55
CA GLY A 70 -3.86 -47.71 -20.26
C GLY A 70 -4.53 -47.19 -21.51
N ASP A 71 -5.85 -47.36 -21.59
CA ASP A 71 -6.61 -46.96 -22.77
C ASP A 71 -6.98 -45.48 -22.71
N SER A 72 -6.21 -44.74 -21.91
CA SER A 72 -6.45 -43.32 -21.75
C SER A 72 -5.43 -42.69 -20.81
N ILE A 73 -4.55 -43.53 -20.27
CA ILE A 73 -3.49 -43.09 -19.38
C ILE A 73 -2.12 -43.48 -19.92
N GLU A 74 -1.25 -42.49 -20.02
CA GLU A 74 0.15 -42.72 -20.37
C GLU A 74 1.03 -41.72 -19.60
N ILE A 75 1.87 -42.29 -18.76
CA ILE A 75 2.81 -41.56 -17.95
C ILE A 75 4.01 -41.18 -18.79
N ILE A 76 4.40 -39.91 -18.69
CA ILE A 76 5.60 -39.42 -19.35
C ILE A 76 6.81 -39.63 -18.45
N ASP A 77 6.85 -38.94 -17.30
CA ASP A 77 8.02 -39.06 -16.42
C ASP A 77 7.66 -38.95 -14.95
N ILE A 78 7.98 -39.99 -14.16
CA ILE A 78 7.89 -39.88 -12.71
C ILE A 78 9.27 -39.46 -12.19
N SER A 79 9.36 -38.26 -11.62
CA SER A 79 10.68 -37.80 -11.18
C SER A 79 10.58 -37.03 -9.87
N PRO A 80 11.62 -37.25 -9.07
CA PRO A 80 11.80 -36.60 -7.78
C PRO A 80 11.94 -35.08 -7.88
N MET A 81 11.40 -34.39 -6.87
CA MET A 81 11.61 -32.95 -6.76
C MET A 81 12.92 -32.63 -6.05
N GLY A 82 13.29 -31.36 -6.01
CA GLY A 82 14.53 -30.93 -5.39
C GLY A 82 14.43 -30.81 -3.88
N CYS A 83 13.35 -30.18 -3.43
CA CYS A 83 13.07 -30.04 -2.00
C CYS A 83 13.23 -31.38 -1.28
N ARG A 84 12.84 -32.46 -1.95
CA ARG A 84 13.00 -33.85 -1.58
C ARG A 84 11.86 -34.35 -0.70
N THR A 85 10.71 -33.69 -0.80
CA THR A 85 9.57 -34.06 0.04
C THR A 85 8.49 -34.76 -0.79
N GLY A 86 8.65 -34.80 -2.11
CA GLY A 86 7.62 -35.36 -2.97
C GLY A 86 8.03 -35.90 -4.32
N PHE A 87 7.05 -36.02 -5.20
CA PHE A 87 7.26 -36.64 -6.50
C PHE A 87 6.27 -36.17 -7.56
N TYR A 88 6.74 -35.50 -8.60
CA TYR A 88 5.88 -35.11 -9.72
C TYR A 88 5.77 -36.25 -10.73
N MET A 89 4.58 -36.47 -11.28
CA MET A 89 4.39 -37.50 -12.29
C MET A 89 3.49 -37.01 -13.42
N SER A 90 4.10 -36.75 -14.58
CA SER A 90 3.40 -36.23 -15.74
C SER A 90 2.86 -37.35 -16.62
N LEU A 91 1.67 -37.12 -17.20
CA LEU A 91 1.08 -38.11 -18.07
C LEU A 91 0.09 -37.51 -19.07
N ILE A 92 -0.03 -38.24 -20.19
CA ILE A 92 -1.11 -37.92 -21.12
C ILE A 92 -2.39 -38.58 -20.62
N GLY A 93 -3.43 -37.77 -20.47
CA GLY A 93 -4.69 -38.27 -19.95
C GLY A 93 -5.26 -37.43 -18.83
N THR A 94 -6.00 -38.08 -17.93
CA THR A 94 -6.69 -37.30 -16.90
C THR A 94 -7.17 -38.16 -15.75
N PRO A 95 -6.29 -38.96 -15.13
CA PRO A 95 -6.75 -39.79 -14.01
C PRO A 95 -6.74 -38.95 -12.74
N ASN A 96 -7.73 -39.15 -11.88
CA ASN A 96 -7.85 -38.32 -10.69
C ASN A 96 -7.00 -38.83 -9.53
N GLU A 97 -7.20 -38.15 -8.41
CA GLU A 97 -6.49 -38.40 -7.16
C GLU A 97 -6.63 -39.84 -6.72
N GLN A 98 -7.85 -40.30 -6.47
CA GLN A 98 -8.09 -41.68 -6.07
C GLN A 98 -7.41 -42.63 -7.05
N LYS A 99 -7.45 -42.31 -8.34
CA LYS A 99 -6.80 -43.23 -9.29
C LYS A 99 -5.28 -43.13 -9.26
N VAL A 100 -4.71 -42.15 -8.56
CA VAL A 100 -3.25 -42.15 -8.47
C VAL A 100 -2.85 -42.55 -7.04
N SER A 101 -3.69 -42.14 -6.11
CA SER A 101 -3.49 -42.46 -4.70
C SER A 101 -3.62 -43.96 -4.47
N GLU A 102 -4.25 -44.66 -5.42
CA GLU A 102 -4.44 -46.10 -5.26
C GLU A 102 -3.30 -46.88 -5.88
N ALA A 103 -2.86 -46.56 -7.10
CA ALA A 103 -1.76 -47.36 -7.66
C ALA A 103 -0.42 -46.98 -7.05
N TRP A 104 -0.28 -45.77 -6.53
CA TRP A 104 0.96 -45.51 -5.75
C TRP A 104 1.00 -46.52 -4.60
N LEU A 105 -0.16 -46.78 -3.99
CA LEU A 105 -0.20 -47.77 -2.92
C LEU A 105 0.16 -49.15 -3.44
N ALA A 106 -0.40 -49.52 -4.59
CA ALA A 106 -0.02 -50.82 -5.17
C ALA A 106 1.46 -50.80 -5.49
N SER A 107 1.90 -49.60 -5.87
CA SER A 107 3.30 -49.35 -6.17
C SER A 107 4.15 -49.36 -4.92
N MET A 108 3.60 -48.96 -3.77
CA MET A 108 4.40 -48.99 -2.55
C MET A 108 4.62 -50.41 -2.04
N GLN A 109 3.58 -51.25 -1.99
CA GLN A 109 3.76 -52.59 -1.45
C GLN A 109 4.86 -53.34 -2.20
N ASP A 110 4.89 -53.17 -3.52
CA ASP A 110 5.89 -53.83 -4.35
C ASP A 110 7.30 -53.38 -4.04
N VAL A 111 7.45 -52.18 -3.48
CA VAL A 111 8.78 -51.77 -3.01
C VAL A 111 9.33 -52.81 -2.02
N LEU A 112 8.41 -53.32 -1.22
CA LEU A 112 8.67 -54.30 -0.18
C LEU A 112 8.60 -55.71 -0.74
N GLY A 113 8.24 -55.79 -2.02
CA GLY A 113 8.41 -57.03 -2.76
C GLY A 113 9.87 -57.15 -3.17
N VAL A 114 10.57 -56.02 -3.12
CA VAL A 114 11.98 -55.98 -3.50
C VAL A 114 12.84 -56.66 -2.45
N GLN A 115 13.44 -57.80 -2.80
CA GLN A 115 14.26 -58.51 -1.83
C GLN A 115 15.50 -57.71 -1.45
N ASP A 116 16.47 -57.62 -2.36
CA ASP A 116 17.66 -56.84 -2.03
C ASP A 116 18.13 -56.05 -3.26
N GLN A 117 19.22 -55.34 -3.06
CA GLN A 117 19.88 -54.57 -4.12
C GLN A 117 20.22 -55.47 -5.29
N ALA A 118 20.48 -56.75 -4.98
CA ALA A 118 20.64 -57.80 -5.98
C ALA A 118 19.26 -58.25 -6.47
N SER A 119 18.56 -57.27 -7.03
CA SER A 119 17.24 -57.40 -7.63
C SER A 119 17.05 -56.25 -8.63
N ILE A 120 18.01 -55.33 -8.55
CA ILE A 120 18.14 -54.16 -9.39
C ILE A 120 19.29 -54.36 -10.38
N PRO A 121 18.95 -54.94 -11.52
CA PRO A 121 19.94 -55.24 -12.57
C PRO A 121 20.52 -53.97 -13.19
N GLU A 122 19.79 -52.88 -13.07
CA GLU A 122 20.19 -51.60 -13.65
C GLU A 122 21.31 -50.95 -12.84
N LEU A 123 21.70 -51.61 -11.76
CA LEU A 123 22.69 -51.07 -10.83
C LEU A 123 24.11 -51.15 -11.34
N ASN A 124 24.28 -51.24 -12.65
CA ASN A 124 25.59 -51.23 -13.27
C ASN A 124 26.04 -49.81 -13.57
N ILE A 125 27.34 -49.65 -13.75
CA ILE A 125 27.95 -48.35 -14.05
C ILE A 125 27.77 -48.00 -15.52
N TYR A 126 27.10 -48.90 -16.23
CA TYR A 126 26.82 -48.63 -17.64
C TYR A 126 25.34 -48.30 -17.82
N GLN A 127 24.59 -48.33 -16.72
CA GLN A 127 23.16 -48.07 -16.82
C GLN A 127 22.69 -47.16 -15.69
N CYS A 128 23.56 -46.93 -14.71
CA CYS A 128 23.28 -46.03 -13.61
C CYS A 128 24.33 -44.92 -13.52
N GLY A 129 23.90 -43.68 -13.59
CA GLY A 129 24.77 -42.52 -13.55
C GLY A 129 25.18 -42.13 -12.15
N SER A 130 24.81 -42.98 -11.20
CA SER A 130 25.14 -42.76 -9.79
C SER A 130 24.76 -43.98 -8.96
N TYR A 131 25.08 -45.15 -9.48
CA TYR A 131 24.74 -46.43 -8.87
C TYR A 131 25.34 -46.56 -7.48
N THR A 132 26.40 -45.80 -7.22
CA THR A 132 26.97 -45.79 -5.87
C THR A 132 25.93 -45.28 -4.88
N GLU A 133 25.50 -44.05 -5.10
CA GLU A 133 24.40 -43.45 -4.35
C GLU A 133 23.19 -44.38 -4.39
N HIS A 134 22.96 -45.13 -3.32
CA HIS A 134 21.85 -46.07 -3.36
C HIS A 134 21.51 -46.60 -1.98
N SER A 135 20.23 -46.90 -1.78
CA SER A 135 19.75 -47.32 -0.48
C SER A 135 18.37 -47.98 -0.57
N LEU A 136 18.36 -49.26 -0.91
CA LEU A 136 17.08 -49.97 -0.93
C LEU A 136 16.51 -50.08 0.48
N GLU A 137 17.38 -49.92 1.48
CA GLU A 137 16.89 -49.90 2.85
C GLU A 137 15.85 -48.79 2.98
N ASP A 138 16.29 -47.57 2.70
CA ASP A 138 15.44 -46.39 2.78
C ASP A 138 14.29 -46.44 1.76
N ALA A 139 14.41 -47.31 0.75
CA ALA A 139 13.30 -47.48 -0.17
C ALA A 139 12.12 -48.06 0.61
N HIS A 140 12.39 -49.24 1.16
CA HIS A 140 11.50 -49.99 2.03
C HIS A 140 11.07 -49.11 3.19
N GLU A 141 12.05 -48.33 3.66
CA GLU A 141 11.78 -47.40 4.76
C GLU A 141 10.62 -46.50 4.35
N ILE A 142 10.92 -45.64 3.39
CA ILE A 142 9.94 -44.75 2.80
C ILE A 142 8.66 -45.51 2.45
N ALA A 143 8.84 -46.61 1.74
CA ALA A 143 7.73 -47.47 1.35
C ALA A 143 6.82 -47.79 2.53
N LYS A 144 7.29 -48.61 3.46
CA LYS A 144 6.46 -49.05 4.57
C LYS A 144 5.83 -47.87 5.32
N ASN A 145 6.49 -46.72 5.30
CA ASN A 145 5.92 -45.56 5.97
C ASN A 145 4.73 -45.01 5.19
N VAL A 146 4.77 -45.19 3.87
CA VAL A 146 3.69 -44.69 3.03
C VAL A 146 2.49 -45.63 3.17
N ILE A 147 2.77 -46.93 3.13
CA ILE A 147 1.71 -47.94 3.25
C ILE A 147 1.15 -48.02 4.66
N ALA A 148 1.69 -47.22 5.59
CA ALA A 148 1.14 -47.21 6.94
C ALA A 148 0.28 -45.96 7.15
N ARG A 149 0.73 -44.89 6.50
CA ARG A 149 0.06 -43.60 6.65
C ARG A 149 -1.16 -43.50 5.76
N GLY A 150 -1.17 -44.35 4.73
CA GLY A 150 -2.21 -44.30 3.72
C GLY A 150 -2.14 -42.98 2.96
N ILE A 151 -2.15 -43.01 1.63
CA ILE A 151 -2.10 -41.76 0.90
C ILE A 151 -3.36 -40.93 1.08
N GLY A 152 -3.20 -39.66 1.44
CA GLY A 152 -4.35 -38.76 1.49
C GLY A 152 -4.53 -37.96 0.21
N VAL A 153 -5.04 -36.74 0.30
CA VAL A 153 -5.33 -35.92 -0.87
C VAL A 153 -5.30 -34.43 -0.54
N ASN A 154 -4.76 -33.62 -1.45
CA ASN A 154 -4.79 -32.17 -1.19
C ASN A 154 -5.47 -31.42 -2.32
N LYS A 155 -6.17 -30.33 -1.98
CA LYS A 155 -6.94 -29.58 -2.97
C LYS A 155 -6.49 -28.11 -2.98
N ASN A 156 -5.74 -27.77 -4.02
CA ASN A 156 -5.10 -26.51 -4.30
C ASN A 156 -5.98 -25.33 -3.85
N VAL B 9 20.78 -47.04 -20.94
CA VAL B 9 21.80 -46.66 -21.92
C VAL B 9 23.18 -46.68 -21.28
N ASP B 10 24.24 -46.89 -22.06
CA ASP B 10 25.56 -47.01 -21.45
C ASP B 10 26.09 -45.66 -20.98
N HIS B 11 25.97 -45.44 -19.68
CA HIS B 11 26.45 -44.20 -19.06
C HIS B 11 27.95 -44.03 -19.23
N THR B 12 28.66 -45.14 -19.46
CA THR B 12 30.11 -44.97 -19.66
C THR B 12 30.40 -44.40 -21.05
N LYS B 13 29.51 -44.68 -21.99
CA LYS B 13 29.65 -44.24 -23.38
C LYS B 13 29.35 -42.76 -23.55
N MET B 14 28.39 -42.25 -22.79
CA MET B 14 27.93 -40.88 -22.98
C MET B 14 28.91 -39.85 -22.41
N ASN B 15 28.75 -38.61 -22.84
CA ASN B 15 29.54 -37.49 -22.37
C ASN B 15 28.66 -36.39 -21.80
N ALA B 16 29.29 -35.41 -21.15
CA ALA B 16 28.61 -34.29 -20.53
C ALA B 16 29.53 -33.08 -20.46
N PRO B 17 28.99 -31.88 -20.47
CA PRO B 17 27.55 -31.62 -20.53
C PRO B 17 26.98 -31.79 -21.94
N ALA B 18 25.77 -32.35 -22.03
CA ALA B 18 25.20 -32.69 -23.33
C ALA B 18 23.71 -32.98 -23.32
N VAL B 19 23.01 -32.33 -24.24
CA VAL B 19 21.62 -32.60 -24.52
C VAL B 19 21.48 -34.00 -25.12
N ARG B 20 20.29 -34.58 -25.03
CA ARG B 20 20.06 -35.91 -25.60
C ARG B 20 18.58 -36.23 -25.66
N ILE B 21 18.06 -36.43 -26.87
CA ILE B 21 16.67 -36.83 -27.03
C ILE B 21 16.40 -38.06 -26.17
N ALA B 22 15.79 -37.84 -25.00
CA ALA B 22 15.61 -38.91 -24.04
C ALA B 22 14.57 -39.93 -24.49
N LYS B 23 13.45 -39.43 -25.00
CA LYS B 23 12.35 -40.28 -25.45
C LYS B 23 11.35 -39.47 -26.27
N THR B 24 10.69 -40.12 -27.22
CA THR B 24 9.71 -39.40 -28.05
C THR B 24 8.41 -40.19 -28.18
N MET B 25 7.30 -39.53 -27.83
CA MET B 25 6.01 -40.19 -27.88
C MET B 25 4.90 -39.21 -28.26
N LEU B 26 3.93 -39.74 -29.00
CA LEU B 26 2.83 -38.92 -29.51
C LEU B 26 1.58 -38.97 -28.65
N THR B 27 0.78 -37.92 -28.78
CA THR B 27 -0.49 -37.83 -28.08
C THR B 27 -1.56 -38.57 -28.87
N PRO B 28 -2.62 -39.01 -28.20
CA PRO B 28 -3.69 -39.78 -28.85
C PRO B 28 -4.19 -39.10 -30.10
N LYS B 29 -4.42 -37.79 -29.97
CA LYS B 29 -4.85 -37.04 -31.16
C LYS B 29 -3.64 -36.82 -32.06
N GLY B 30 -2.93 -35.70 -31.92
CA GLY B 30 -1.79 -35.47 -32.78
C GLY B 30 -0.56 -34.89 -32.11
N ASP B 31 -0.70 -34.10 -31.06
CA ASP B 31 0.40 -33.32 -30.51
C ASP B 31 1.58 -34.18 -30.08
N ASN B 32 2.76 -33.57 -29.96
CA ASN B 32 4.00 -34.27 -29.65
C ASN B 32 4.59 -33.90 -28.30
N ILE B 33 5.02 -34.91 -27.55
CA ILE B 33 5.70 -34.71 -26.27
C ILE B 33 7.13 -35.24 -26.33
N THR B 34 8.09 -34.33 -26.31
CA THR B 34 9.50 -34.74 -26.33
C THR B 34 10.09 -34.67 -24.94
N VAL B 35 10.93 -35.65 -24.61
CA VAL B 35 11.51 -35.62 -23.27
C VAL B 35 13.03 -35.64 -23.36
N PHE B 36 13.67 -34.67 -22.72
CA PHE B 36 15.10 -34.47 -22.85
C PHE B 36 15.92 -34.84 -21.62
N ASP B 37 17.05 -35.50 -21.86
CA ASP B 37 18.05 -35.80 -20.84
C ASP B 37 19.09 -34.67 -20.79
N LEU B 38 18.83 -33.65 -19.97
CA LEU B 38 19.72 -32.52 -19.75
C LEU B 38 20.87 -32.85 -18.81
N ARG B 39 21.73 -33.79 -19.22
CA ARG B 39 22.82 -34.32 -18.42
C ARG B 39 23.97 -33.34 -18.24
N PHE B 40 24.06 -32.75 -17.06
CA PHE B 40 25.10 -31.83 -16.63
C PHE B 40 26.45 -32.50 -16.42
N CYS B 41 26.49 -33.55 -15.60
CA CYS B 41 27.73 -34.22 -15.24
C CYS B 41 27.93 -35.54 -15.97
N ILE B 42 29.17 -36.03 -15.86
CA ILE B 42 29.62 -37.27 -16.47
C ILE B 42 29.27 -38.47 -15.59
N PRO B 43 28.40 -39.33 -16.11
CA PRO B 43 27.82 -40.44 -15.37
C PRO B 43 28.79 -41.23 -14.50
N ASN B 44 28.66 -41.01 -13.19
CA ASN B 44 29.41 -41.69 -12.16
C ASN B 44 30.81 -41.10 -11.98
N LYS B 45 31.16 -40.11 -12.81
CA LYS B 45 32.48 -39.52 -12.62
C LYS B 45 32.35 -38.27 -11.74
N GLU B 46 31.27 -37.52 -11.95
CA GLU B 46 30.96 -36.34 -11.15
C GLU B 46 29.53 -36.41 -10.64
N ILE B 47 29.12 -35.45 -9.81
CA ILE B 47 27.75 -35.46 -9.31
C ILE B 47 27.30 -34.10 -8.79
N LEU B 48 26.02 -33.83 -9.00
CA LEU B 48 25.34 -32.64 -8.53
C LEU B 48 25.02 -32.76 -7.04
N SER B 49 25.00 -31.63 -6.36
CA SER B 49 24.74 -31.48 -4.94
C SER B 49 23.24 -31.36 -4.64
N PRO B 50 22.75 -32.08 -3.64
CA PRO B 50 21.32 -32.03 -3.29
C PRO B 50 20.86 -30.59 -3.10
N LYS B 51 21.74 -29.73 -2.61
CA LYS B 51 21.34 -28.32 -2.45
C LYS B 51 21.49 -27.56 -3.76
N GLY B 52 22.67 -27.62 -4.39
CA GLY B 52 22.89 -26.98 -5.67
C GLY B 52 21.83 -27.32 -6.69
N ILE B 53 21.65 -28.61 -6.96
CA ILE B 53 20.67 -29.04 -7.95
C ILE B 53 19.29 -28.47 -7.64
N HIS B 54 19.01 -28.28 -6.37
CA HIS B 54 17.70 -27.81 -5.91
C HIS B 54 17.53 -26.31 -6.11
N THR B 55 18.43 -25.49 -5.59
CA THR B 55 18.32 -24.06 -5.85
C THR B 55 18.35 -23.82 -7.36
N LEU B 56 19.12 -24.64 -8.06
CA LEU B 56 19.26 -24.53 -9.51
C LEU B 56 17.91 -24.76 -10.19
N GLU B 57 17.29 -25.89 -9.90
CA GLU B 57 16.01 -26.31 -10.47
C GLU B 57 15.02 -25.18 -10.59
N HIS B 58 14.90 -24.44 -9.49
CA HIS B 58 14.06 -23.27 -9.40
C HIS B 58 14.28 -22.31 -10.56
N LEU B 59 15.54 -21.92 -10.73
CA LEU B 59 16.01 -20.97 -11.72
C LEU B 59 15.95 -21.47 -13.15
N PHE B 60 16.41 -22.71 -13.32
CA PHE B 60 16.44 -23.40 -14.60
C PHE B 60 15.09 -23.27 -15.29
N ALA B 61 14.07 -23.92 -14.74
CA ALA B 61 12.77 -23.93 -15.41
C ALA B 61 12.16 -22.54 -15.53
N GLY B 62 12.57 -21.61 -14.67
CA GLY B 62 12.09 -20.23 -14.79
C GLY B 62 12.70 -19.53 -16.01
N PHE B 63 13.90 -19.95 -16.37
CA PHE B 63 14.69 -19.39 -17.46
C PHE B 63 14.57 -20.21 -18.74
N MET B 64 14.56 -21.54 -18.63
CA MET B 64 14.40 -22.35 -19.84
C MET B 64 13.03 -22.05 -20.47
N ARG B 65 12.09 -21.64 -19.63
CA ARG B 65 10.78 -21.25 -20.13
C ARG B 65 10.86 -19.92 -20.88
N ASP B 66 11.97 -19.21 -20.73
CA ASP B 66 12.21 -17.91 -21.33
C ASP B 66 12.88 -18.00 -22.69
N HIS B 67 13.93 -18.82 -22.74
CA HIS B 67 14.71 -19.01 -23.95
C HIS B 67 14.08 -20.07 -24.83
N LEU B 68 13.65 -21.17 -24.21
CA LEU B 68 12.98 -22.21 -24.98
C LEU B 68 11.49 -21.88 -25.11
N ASN B 69 10.69 -22.47 -24.26
CA ASN B 69 9.25 -22.40 -24.09
C ASN B 69 8.64 -21.16 -24.76
N GLY B 70 8.65 -21.15 -26.10
CA GLY B 70 8.16 -20.02 -26.85
C GLY B 70 6.72 -20.15 -27.26
N ASP B 71 6.48 -20.43 -28.54
CA ASP B 71 5.12 -20.47 -29.07
C ASP B 71 4.85 -21.77 -29.83
N SER B 72 5.88 -22.59 -30.07
CA SER B 72 5.57 -23.85 -30.75
C SER B 72 6.18 -25.00 -29.95
N ILE B 73 6.74 -24.60 -28.82
CA ILE B 73 7.18 -25.53 -27.79
C ILE B 73 6.42 -25.20 -26.50
N GLU B 74 6.12 -26.22 -25.71
CA GLU B 74 5.49 -25.98 -24.42
C GLU B 74 6.24 -26.75 -23.34
N ILE B 75 6.49 -26.07 -22.21
CA ILE B 75 7.18 -26.87 -21.18
C ILE B 75 6.15 -27.44 -20.21
N ILE B 76 6.21 -28.77 -20.07
CA ILE B 76 5.42 -29.37 -19.00
C ILE B 76 6.22 -29.15 -17.72
N ASP B 77 7.37 -29.82 -17.58
CA ASP B 77 8.17 -29.67 -16.38
C ASP B 77 9.64 -30.01 -16.59
N ILE B 78 10.46 -29.38 -15.77
CA ILE B 78 11.88 -29.63 -15.64
C ILE B 78 12.23 -29.93 -14.20
N SER B 79 12.79 -31.12 -13.94
CA SER B 79 13.13 -31.47 -12.56
C SER B 79 14.40 -32.30 -12.51
N PRO B 80 15.07 -32.27 -11.36
CA PRO B 80 16.38 -32.92 -11.28
C PRO B 80 16.28 -34.44 -11.28
N MET B 81 17.34 -35.11 -11.72
CA MET B 81 17.37 -36.57 -11.73
C MET B 81 17.71 -37.11 -10.35
N GLY B 82 17.25 -38.31 -10.03
CA GLY B 82 17.54 -38.88 -8.72
C GLY B 82 19.05 -39.02 -8.51
N CYS B 83 19.70 -39.40 -9.59
CA CYS B 83 21.14 -39.62 -9.69
C CYS B 83 21.93 -38.31 -9.65
N ARG B 84 21.19 -37.21 -9.59
CA ARG B 84 21.71 -35.86 -9.52
C ARG B 84 22.85 -35.65 -10.50
N THR B 85 22.65 -36.17 -11.71
CA THR B 85 23.60 -36.00 -12.80
C THR B 85 22.99 -35.21 -13.95
N GLY B 86 22.05 -34.31 -13.65
CA GLY B 86 21.35 -33.53 -14.65
C GLY B 86 19.85 -33.62 -14.47
N PHE B 87 19.08 -32.85 -15.24
CA PHE B 87 17.61 -32.85 -15.12
C PHE B 87 16.93 -33.56 -16.29
N TYR B 88 15.71 -34.04 -16.04
CA TYR B 88 14.88 -34.49 -17.15
C TYR B 88 13.93 -33.37 -17.55
N MET B 89 13.70 -33.20 -18.85
CA MET B 89 12.80 -32.10 -19.25
C MET B 89 11.79 -32.55 -20.29
N SER B 90 10.58 -32.84 -19.85
CA SER B 90 9.49 -33.15 -20.77
C SER B 90 8.86 -31.88 -21.33
N LEU B 91 8.53 -31.89 -22.63
CA LEU B 91 7.88 -30.68 -23.15
C LEU B 91 6.90 -31.02 -24.28
N ILE B 92 5.97 -30.10 -24.50
CA ILE B 92 5.02 -30.20 -25.59
C ILE B 92 5.61 -29.56 -26.86
N GLY B 93 6.03 -30.41 -27.77
CA GLY B 93 6.66 -30.05 -29.03
C GLY B 93 7.76 -31.02 -29.39
N THR B 94 8.83 -30.54 -30.05
CA THR B 94 9.86 -31.51 -30.39
C THR B 94 11.16 -30.87 -30.85
N PRO B 95 11.72 -29.93 -30.10
CA PRO B 95 12.98 -29.33 -30.57
C PRO B 95 14.06 -30.40 -30.73
N ASN B 96 15.18 -29.97 -31.30
CA ASN B 96 16.35 -30.81 -31.48
C ASN B 96 17.43 -30.37 -30.50
N GLU B 97 18.51 -31.13 -30.47
CA GLU B 97 19.61 -30.95 -29.53
C GLU B 97 20.20 -29.54 -29.58
N GLN B 98 20.23 -28.91 -30.75
CA GLN B 98 20.82 -27.57 -30.83
C GLN B 98 19.99 -26.55 -30.06
N LYS B 99 18.71 -26.60 -30.33
CA LYS B 99 17.70 -25.70 -29.81
C LYS B 99 17.63 -25.75 -28.30
N VAL B 100 17.69 -26.96 -27.76
CA VAL B 100 17.60 -27.03 -26.29
C VAL B 100 18.86 -26.44 -25.66
N SER B 101 20.01 -26.95 -26.10
CA SER B 101 21.31 -26.54 -25.59
C SER B 101 21.40 -25.01 -25.56
N GLU B 102 21.21 -24.37 -26.72
CA GLU B 102 21.22 -22.92 -26.82
C GLU B 102 20.35 -22.29 -25.74
N ALA B 103 19.23 -22.95 -25.47
CA ALA B 103 18.33 -22.50 -24.41
C ALA B 103 18.94 -22.80 -23.05
N TRP B 104 19.64 -23.94 -23.00
CA TRP B 104 20.27 -24.29 -21.71
C TRP B 104 21.44 -23.36 -21.47
N LEU B 105 22.34 -23.20 -22.45
CA LEU B 105 23.51 -22.35 -22.23
C LEU B 105 23.09 -20.93 -21.84
N ALA B 106 21.98 -20.47 -22.40
CA ALA B 106 21.52 -19.13 -22.03
C ALA B 106 21.20 -19.07 -20.54
N SER B 107 20.24 -19.87 -20.13
CA SER B 107 19.71 -19.97 -18.77
C SER B 107 20.81 -19.84 -17.72
N MET B 108 21.89 -20.61 -17.92
CA MET B 108 23.00 -20.62 -16.97
C MET B 108 23.55 -19.20 -16.79
N GLN B 109 23.56 -18.48 -17.91
CA GLN B 109 23.95 -17.08 -17.90
C GLN B 109 22.93 -16.27 -17.10
N ASP B 110 21.68 -16.70 -17.19
CA ASP B 110 20.57 -16.12 -16.43
C ASP B 110 20.71 -16.43 -14.95
N VAL B 111 21.21 -17.62 -14.65
CA VAL B 111 21.31 -18.00 -13.23
C VAL B 111 22.33 -17.13 -12.49
N LEU B 112 23.48 -16.97 -13.14
CA LEU B 112 24.60 -16.17 -12.70
C LEU B 112 24.15 -14.78 -12.27
N GLY B 113 23.12 -14.27 -12.94
CA GLY B 113 22.57 -12.96 -12.66
C GLY B 113 21.74 -12.89 -11.40
N VAL B 114 21.96 -13.81 -10.47
CA VAL B 114 21.21 -13.81 -9.21
C VAL B 114 22.16 -13.87 -8.02
N GLN B 115 22.56 -12.71 -7.51
CA GLN B 115 23.59 -12.58 -6.49
C GLN B 115 23.22 -13.16 -5.14
N ASP B 116 21.94 -13.17 -4.75
CA ASP B 116 21.64 -13.66 -3.40
C ASP B 116 20.24 -14.31 -3.31
N GLN B 117 20.04 -15.01 -2.21
CA GLN B 117 18.91 -15.84 -1.86
C GLN B 117 17.57 -15.11 -1.86
N ALA B 118 17.56 -13.83 -1.50
CA ALA B 118 16.32 -13.07 -1.48
C ALA B 118 15.84 -12.71 -2.89
N SER B 119 16.59 -13.14 -3.88
CA SER B 119 16.29 -12.98 -5.30
C SER B 119 15.56 -14.23 -5.82
N ILE B 120 15.75 -15.34 -5.13
CA ILE B 120 15.04 -16.57 -5.46
C ILE B 120 13.68 -16.53 -4.78
N PRO B 121 12.66 -16.29 -5.61
CA PRO B 121 11.30 -15.93 -5.21
C PRO B 121 10.65 -16.88 -4.22
N GLU B 122 10.65 -18.16 -4.56
CA GLU B 122 10.05 -19.19 -3.72
C GLU B 122 10.64 -19.18 -2.31
N LEU B 123 11.87 -19.63 -2.21
CA LEU B 123 12.74 -19.85 -1.08
C LEU B 123 12.15 -19.38 0.24
N ASN B 124 11.15 -20.12 0.73
CA ASN B 124 10.55 -19.82 2.02
C ASN B 124 9.74 -21.01 2.54
N ILE B 125 9.51 -21.02 3.85
CA ILE B 125 8.70 -22.08 4.43
C ILE B 125 7.34 -22.13 3.74
N TYR B 126 6.79 -20.96 3.43
CA TYR B 126 5.43 -20.93 2.89
C TYR B 126 5.37 -21.38 1.44
N GLN B 127 6.47 -21.28 0.69
CA GLN B 127 6.34 -21.66 -0.71
C GLN B 127 7.35 -22.70 -1.18
N CYS B 128 8.49 -22.88 -0.51
CA CYS B 128 9.41 -23.93 -0.96
C CYS B 128 9.40 -25.12 0.00
N GLY B 129 9.20 -26.30 -0.57
CA GLY B 129 9.16 -27.57 0.10
C GLY B 129 10.09 -27.69 1.28
N SER B 130 11.37 -27.42 1.08
CA SER B 130 12.42 -27.48 2.09
C SER B 130 13.32 -26.24 2.09
N TYR B 131 12.85 -25.19 2.73
CA TYR B 131 13.44 -23.86 2.87
C TYR B 131 14.94 -23.83 3.10
N THR B 132 15.53 -24.78 3.81
CA THR B 132 16.94 -24.61 4.18
C THR B 132 17.86 -25.48 3.32
N GLU B 133 17.30 -26.03 2.26
CA GLU B 133 18.10 -26.84 1.36
C GLU B 133 18.33 -26.11 0.05
N HIS B 134 18.89 -24.91 0.14
CA HIS B 134 19.22 -24.06 -0.99
C HIS B 134 20.65 -23.56 -0.97
N SER B 135 21.37 -23.66 -2.09
CA SER B 135 22.72 -23.11 -2.15
C SER B 135 22.92 -22.40 -3.49
N LEU B 136 22.60 -21.12 -3.53
CA LEU B 136 22.79 -20.27 -4.70
C LEU B 136 24.25 -20.33 -5.18
N GLU B 137 25.15 -20.53 -4.23
CA GLU B 137 26.57 -20.62 -4.45
C GLU B 137 26.91 -21.87 -5.26
N ASP B 138 26.35 -23.00 -4.84
CA ASP B 138 26.66 -24.25 -5.54
C ASP B 138 26.06 -24.25 -6.94
N ALA B 139 24.89 -23.63 -7.03
CA ALA B 139 24.09 -23.51 -8.23
C ALA B 139 24.67 -22.49 -9.21
N HIS B 140 25.60 -21.68 -8.73
CA HIS B 140 26.29 -20.72 -9.60
C HIS B 140 27.53 -21.38 -10.19
N GLU B 141 28.23 -22.15 -9.35
CA GLU B 141 29.38 -22.92 -9.79
C GLU B 141 29.01 -23.78 -10.99
N ILE B 142 27.86 -24.44 -10.86
CA ILE B 142 27.35 -25.33 -11.90
C ILE B 142 27.24 -24.57 -13.22
N ALA B 143 26.52 -23.46 -13.21
CA ALA B 143 26.46 -22.54 -14.34
C ALA B 143 27.86 -22.29 -14.91
N LYS B 144 28.76 -21.87 -14.03
CA LYS B 144 30.15 -21.61 -14.41
C LYS B 144 30.74 -22.82 -15.11
N ASN B 145 30.55 -23.99 -14.52
CA ASN B 145 31.08 -25.21 -15.13
C ASN B 145 30.52 -25.39 -16.53
N VAL B 146 29.19 -25.54 -16.60
CA VAL B 146 28.46 -25.75 -17.83
C VAL B 146 28.80 -24.69 -18.87
N ILE B 147 28.61 -23.44 -18.50
CA ILE B 147 28.92 -22.34 -19.41
C ILE B 147 30.35 -22.45 -19.91
N ALA B 148 31.24 -22.79 -19.00
CA ALA B 148 32.66 -22.93 -19.30
C ALA B 148 32.94 -24.15 -20.17
N ARG B 149 32.37 -25.30 -19.79
CA ARG B 149 32.71 -26.55 -20.46
C ARG B 149 32.06 -26.68 -21.84
N GLY B 150 30.94 -26.00 -22.07
CA GLY B 150 30.23 -26.07 -23.34
C GLY B 150 29.26 -27.24 -23.39
N ILE B 151 28.10 -27.05 -24.02
CA ILE B 151 27.07 -28.06 -24.06
C ILE B 151 27.01 -28.81 -25.38
N GLY B 152 27.67 -29.96 -25.47
CA GLY B 152 27.65 -30.73 -26.70
C GLY B 152 26.34 -31.49 -26.88
N VAL B 153 26.44 -32.68 -27.46
CA VAL B 153 25.30 -33.53 -27.73
C VAL B 153 25.64 -34.99 -27.37
N ASN B 154 24.60 -35.75 -27.07
CA ASN B 154 24.63 -37.19 -26.91
C ASN B 154 23.46 -37.82 -27.65
N LYS B 155 23.77 -38.52 -28.73
CA LYS B 155 22.73 -39.21 -29.50
C LYS B 155 22.65 -40.67 -29.06
N ASN B 156 21.48 -41.27 -29.16
CA ASN B 156 21.27 -42.63 -28.66
C ASN B 156 22.17 -43.65 -29.34
N VAL C 9 -22.69 33.09 27.57
CA VAL C 9 -23.19 34.43 27.26
C VAL C 9 -24.32 34.38 26.23
N ASP C 10 -25.39 35.09 26.51
CA ASP C 10 -26.65 35.01 25.78
C ASP C 10 -26.85 36.16 24.81
N HIS C 11 -27.24 35.80 23.58
CA HIS C 11 -27.43 36.67 22.44
C HIS C 11 -28.76 37.40 22.40
N THR C 12 -29.64 37.28 23.40
CA THR C 12 -30.92 37.97 23.27
C THR C 12 -30.99 39.24 24.10
N LYS C 13 -29.85 39.67 24.63
CA LYS C 13 -29.79 40.89 25.44
C LYS C 13 -28.63 41.79 25.00
N MET C 14 -27.96 41.38 23.92
CA MET C 14 -26.85 42.14 23.37
C MET C 14 -27.34 43.31 22.52
N ASN C 15 -26.46 44.27 22.29
CA ASN C 15 -26.72 45.45 21.48
C ASN C 15 -25.64 45.66 20.42
N ALA C 16 -25.92 46.51 19.44
CA ALA C 16 -24.99 46.75 18.34
C ALA C 16 -25.17 48.15 17.75
N PRO C 17 -24.11 48.78 17.29
CA PRO C 17 -22.74 48.26 17.39
C PRO C 17 -22.17 48.41 18.80
N ALA C 18 -21.44 47.38 19.24
CA ALA C 18 -20.94 47.37 20.60
C ALA C 18 -19.71 46.48 20.72
N VAL C 19 -19.02 46.63 21.85
CA VAL C 19 -17.81 45.87 22.11
C VAL C 19 -17.95 45.06 23.39
N ARG C 20 -17.31 43.90 23.40
CA ARG C 20 -17.33 43.02 24.55
C ARG C 20 -16.10 42.12 24.52
N ILE C 21 -15.59 41.82 25.70
CA ILE C 21 -14.42 40.92 25.77
C ILE C 21 -14.87 39.48 25.78
N ALA C 22 -14.81 38.83 24.60
CA ALA C 22 -15.34 37.48 24.54
C ALA C 22 -14.56 36.55 25.48
N LYS C 23 -13.29 36.87 25.70
CA LYS C 23 -12.49 36.00 26.54
C LYS C 23 -11.06 36.51 26.70
N THR C 24 -10.55 36.30 27.91
CA THR C 24 -9.18 36.65 28.21
C THR C 24 -8.45 35.45 28.84
N MET C 25 -7.33 35.10 28.24
CA MET C 25 -6.47 34.00 28.64
C MET C 25 -5.13 34.48 29.17
N LEU C 26 -4.16 33.58 29.17
CA LEU C 26 -2.82 33.92 29.64
C LEU C 26 -1.78 32.91 29.17
N THR C 27 -0.72 33.44 28.55
CA THR C 27 0.38 32.56 28.18
C THR C 27 0.93 31.93 29.46
N PRO C 28 1.43 30.71 29.39
CA PRO C 28 2.04 30.04 30.55
C PRO C 28 2.94 30.94 31.38
N LYS C 29 3.85 31.68 30.75
CA LYS C 29 4.76 32.54 31.50
C LYS C 29 4.07 33.81 32.02
N GLY C 30 2.83 34.07 31.60
CA GLY C 30 2.10 35.18 32.18
C GLY C 30 1.42 36.15 31.26
N ASP C 31 1.79 36.24 29.98
CA ASP C 31 1.14 37.27 29.17
C ASP C 31 -0.36 37.02 29.02
N ASN C 32 -1.08 38.05 28.58
CA ASN C 32 -2.52 38.03 28.44
C ASN C 32 -2.95 38.01 26.97
N ILE C 33 -4.00 37.24 26.67
CA ILE C 33 -4.50 37.14 25.30
C ILE C 33 -5.99 37.43 25.28
N THR C 34 -6.32 38.68 25.02
CA THR C 34 -7.70 39.17 24.98
C THR C 34 -8.37 38.90 23.65
N VAL C 35 -9.45 38.11 23.70
CA VAL C 35 -10.25 37.97 22.50
C VAL C 35 -11.45 38.90 22.65
N PHE C 36 -11.65 39.74 21.63
CA PHE C 36 -12.75 40.70 21.72
C PHE C 36 -13.88 40.25 20.80
N ASP C 37 -15.02 40.89 21.00
CA ASP C 37 -16.27 40.58 20.32
C ASP C 37 -16.85 41.84 19.71
N LEU C 38 -16.25 42.27 18.60
CA LEU C 38 -16.78 43.43 17.88
C LEU C 38 -18.14 43.07 17.30
N ARG C 39 -19.14 43.15 18.18
CA ARG C 39 -20.50 42.87 17.74
C ARG C 39 -21.05 44.08 16.99
N PHE C 40 -21.19 43.93 15.69
CA PHE C 40 -21.64 44.94 14.75
C PHE C 40 -23.17 45.01 14.63
N CYS C 41 -23.78 43.86 14.38
CA CYS C 41 -25.21 43.68 14.24
C CYS C 41 -25.82 42.87 15.38
N ILE C 42 -26.96 43.33 15.86
CA ILE C 42 -27.76 42.64 16.86
C ILE C 42 -28.19 41.26 16.37
N PRO C 43 -27.65 40.23 17.01
CA PRO C 43 -27.85 38.84 16.56
C PRO C 43 -29.30 38.49 16.28
N ASN C 44 -29.56 38.08 15.05
CA ASN C 44 -30.83 37.53 14.60
C ASN C 44 -31.92 38.59 14.43
N LYS C 45 -31.53 39.70 13.85
CA LYS C 45 -32.39 40.82 13.50
C LYS C 45 -31.80 41.52 12.28
N GLU C 46 -30.50 41.33 12.08
CA GLU C 46 -29.72 41.89 10.99
C GLU C 46 -28.42 41.13 10.77
N ILE C 47 -27.91 41.16 9.54
CA ILE C 47 -26.67 40.45 9.25
C ILE C 47 -25.81 41.23 8.25
N LEU C 48 -24.49 41.12 8.40
CA LEU C 48 -23.56 41.75 7.46
C LEU C 48 -23.61 41.00 6.13
N SER C 49 -23.69 41.72 5.01
CA SER C 49 -23.65 41.03 3.72
C SER C 49 -22.36 40.22 3.63
N PRO C 50 -22.39 39.10 2.93
CA PRO C 50 -21.21 38.25 2.82
C PRO C 50 -20.10 38.88 1.97
N LYS C 51 -20.44 39.91 1.20
CA LYS C 51 -19.46 40.57 0.34
C LYS C 51 -18.89 41.83 0.99
N GLY C 52 -19.73 42.49 1.78
CA GLY C 52 -19.42 43.70 2.51
C GLY C 52 -18.53 43.47 3.71
N ILE C 53 -18.60 42.29 4.31
CA ILE C 53 -17.83 41.96 5.51
C ILE C 53 -16.41 41.53 5.15
N HIS C 54 -16.18 41.20 3.89
CA HIS C 54 -14.90 40.81 3.31
C HIS C 54 -14.09 42.05 2.97
N THR C 55 -14.72 42.97 2.23
CA THR C 55 -14.16 44.30 2.05
C THR C 55 -13.93 45.01 3.38
N LEU C 56 -14.86 44.83 4.34
CA LEU C 56 -14.70 45.51 5.64
C LEU C 56 -13.51 44.90 6.39
N GLU C 57 -13.49 43.58 6.36
CA GLU C 57 -12.41 42.75 6.87
C GLU C 57 -11.07 43.25 6.31
N HIS C 58 -11.03 43.47 5.00
CA HIS C 58 -9.76 43.85 4.36
C HIS C 58 -9.24 45.18 4.90
N LEU C 59 -10.14 46.05 5.34
CA LEU C 59 -9.80 47.38 5.80
C LEU C 59 -9.65 47.46 7.32
N PHE C 60 -10.76 47.25 8.00
CA PHE C 60 -10.98 47.36 9.43
C PHE C 60 -9.74 46.99 10.24
N ALA C 61 -9.18 45.84 9.87
CA ALA C 61 -8.06 45.20 10.53
C ALA C 61 -6.74 45.88 10.14
N GLY C 62 -6.75 46.45 8.94
CA GLY C 62 -5.66 47.28 8.47
C GLY C 62 -5.54 48.47 9.42
N PHE C 63 -6.56 49.32 9.35
CA PHE C 63 -6.68 50.51 10.18
C PHE C 63 -6.71 50.18 11.66
N MET C 64 -7.35 49.09 12.08
CA MET C 64 -7.31 48.82 13.53
C MET C 64 -5.86 48.56 13.92
N ARG C 65 -5.08 47.97 13.02
CA ARG C 65 -3.64 47.83 13.26
C ARG C 65 -3.02 49.20 13.51
N ASP C 66 -3.60 50.21 12.87
CA ASP C 66 -3.12 51.58 12.97
C ASP C 66 -3.25 52.17 14.36
N HIS C 67 -4.44 52.59 14.79
CA HIS C 67 -4.46 53.24 16.11
C HIS C 67 -4.77 52.30 17.25
N LEU C 68 -4.52 51.00 17.12
CA LEU C 68 -4.68 50.12 18.28
C LEU C 68 -3.33 49.55 18.71
N ASN C 69 -2.67 48.85 17.79
CA ASN C 69 -1.36 48.26 18.06
C ASN C 69 -0.39 49.33 18.57
N GLY C 70 0.37 48.99 19.60
CA GLY C 70 1.35 49.93 20.14
C GLY C 70 2.61 49.22 20.58
N ASP C 71 2.99 49.38 21.84
CA ASP C 71 4.12 48.62 22.38
C ASP C 71 3.64 47.80 23.58
N SER C 72 2.41 48.06 24.01
CA SER C 72 1.77 47.31 25.08
C SER C 72 0.68 46.38 24.54
N ILE C 73 0.31 46.62 23.28
CA ILE C 73 -0.64 45.77 22.57
C ILE C 73 -0.14 45.43 21.18
N GLU C 74 -0.07 44.13 20.90
CA GLU C 74 0.12 43.67 19.54
C GLU C 74 -1.00 42.68 19.20
N ILE C 75 -1.69 43.01 18.13
CA ILE C 75 -2.75 42.28 17.48
C ILE C 75 -2.25 40.98 16.86
N ILE C 76 -3.09 39.96 16.95
CA ILE C 76 -2.79 38.63 16.42
C ILE C 76 -3.55 38.36 15.13
N ASP C 77 -4.85 38.65 15.16
CA ASP C 77 -5.70 38.50 14.00
C ASP C 77 -7.04 39.21 14.18
N ILE C 78 -7.69 39.52 13.08
CA ILE C 78 -9.08 39.97 13.07
C ILE C 78 -9.80 39.22 11.94
N SER C 79 -11.00 38.74 12.24
CA SER C 79 -11.67 37.85 11.28
C SER C 79 -13.18 37.99 11.33
N PRO C 80 -13.88 37.74 10.24
CA PRO C 80 -15.34 37.77 10.34
C PRO C 80 -15.83 36.53 11.08
N MET C 81 -16.99 36.65 11.70
CA MET C 81 -17.60 35.51 12.37
C MET C 81 -18.47 34.71 11.38
N GLY C 82 -18.69 33.44 11.69
CA GLY C 82 -19.56 32.58 10.92
C GLY C 82 -20.96 33.14 10.79
N CYS C 83 -21.48 33.65 11.90
CA CYS C 83 -22.80 34.29 11.91
C CYS C 83 -22.83 35.63 11.19
N ARG C 84 -21.70 36.34 11.10
CA ARG C 84 -21.61 37.62 10.40
C ARG C 84 -22.24 38.77 11.16
N THR C 85 -22.25 38.78 12.49
CA THR C 85 -22.78 39.96 13.18
C THR C 85 -21.67 40.78 13.80
N GLY C 86 -20.44 40.33 13.60
CA GLY C 86 -19.28 41.04 14.11
C GLY C 86 -17.98 40.42 13.60
N PHE C 87 -16.91 40.77 14.29
CA PHE C 87 -15.59 40.19 14.05
C PHE C 87 -14.99 39.73 15.37
N TYR C 88 -13.94 38.93 15.29
CA TYR C 88 -13.22 38.55 16.50
C TYR C 88 -11.82 39.17 16.48
N MET C 89 -11.57 40.09 17.40
CA MET C 89 -10.22 40.64 17.50
C MET C 89 -9.50 39.94 18.64
N SER C 90 -8.37 39.34 18.32
CA SER C 90 -7.47 38.70 19.26
C SER C 90 -6.15 39.45 19.30
N LEU C 91 -5.59 39.60 20.50
CA LEU C 91 -4.36 40.37 20.59
C LEU C 91 -3.57 40.02 21.86
N ILE C 92 -2.38 40.56 21.89
CA ILE C 92 -1.54 40.53 23.08
C ILE C 92 -1.70 41.87 23.80
N GLY C 93 -1.89 41.78 25.11
CA GLY C 93 -2.15 42.98 25.89
C GLY C 93 -3.46 42.86 26.64
N THR C 94 -3.71 43.81 27.53
CA THR C 94 -4.94 43.78 28.33
C THR C 94 -5.68 45.11 28.23
N PRO C 95 -6.17 45.42 27.02
CA PRO C 95 -6.82 46.70 26.76
C PRO C 95 -8.32 46.67 27.03
N ASN C 96 -8.87 47.75 27.59
CA ASN C 96 -10.29 47.74 27.96
C ASN C 96 -11.16 48.10 26.76
N GLU C 97 -12.47 47.86 26.91
CA GLU C 97 -13.43 48.05 25.84
C GLU C 97 -13.39 49.48 25.29
N GLN C 98 -13.21 50.42 26.21
CA GLN C 98 -13.10 51.84 25.83
C GLN C 98 -11.85 52.07 24.99
N LYS C 99 -10.76 51.37 25.33
CA LYS C 99 -9.59 51.50 24.45
C LYS C 99 -9.96 51.06 23.04
N VAL C 100 -10.44 49.84 22.91
CA VAL C 100 -10.81 49.27 21.61
C VAL C 100 -11.98 50.01 20.97
N SER C 101 -12.95 50.45 21.78
CA SER C 101 -14.07 51.18 21.19
C SER C 101 -13.57 52.41 20.44
N GLU C 102 -12.65 53.13 21.07
CA GLU C 102 -12.05 54.31 20.45
C GLU C 102 -11.36 53.95 19.14
N ALA C 103 -10.84 52.73 19.04
CA ALA C 103 -10.18 52.29 17.82
C ALA C 103 -11.18 51.97 16.72
N TRP C 104 -12.14 51.10 16.98
CA TRP C 104 -13.12 50.71 15.95
C TRP C 104 -13.80 51.95 15.39
N LEU C 105 -13.96 52.99 16.20
CA LEU C 105 -14.65 54.19 15.72
C LEU C 105 -13.75 54.99 14.79
N ALA C 106 -12.45 55.00 15.09
CA ALA C 106 -11.55 55.71 14.18
C ALA C 106 -11.60 55.09 12.79
N SER C 107 -11.57 53.77 12.77
CA SER C 107 -11.48 52.86 11.66
C SER C 107 -12.59 53.03 10.63
N MET C 108 -13.83 53.04 11.10
CA MET C 108 -15.00 53.25 10.24
C MET C 108 -14.80 54.53 9.44
N GLN C 109 -14.32 55.55 10.16
CA GLN C 109 -13.97 56.81 9.51
C GLN C 109 -13.04 56.52 8.34
N ASP C 110 -11.92 55.86 8.64
CA ASP C 110 -10.98 55.44 7.61
C ASP C 110 -11.67 54.55 6.58
N VAL C 111 -12.75 53.89 6.96
CA VAL C 111 -13.47 53.13 5.93
C VAL C 111 -13.95 54.10 4.86
N LEU C 112 -14.64 55.13 5.35
CA LEU C 112 -15.23 56.21 4.58
C LEU C 112 -14.19 56.92 3.72
N GLY C 113 -12.99 57.05 4.27
CA GLY C 113 -11.84 57.56 3.56
C GLY C 113 -11.70 56.92 2.18
N VAL C 114 -11.80 55.60 2.12
CA VAL C 114 -11.64 54.94 0.82
C VAL C 114 -12.70 55.48 -0.15
N GLN C 115 -12.31 55.78 -1.37
CA GLN C 115 -13.22 56.37 -2.33
C GLN C 115 -13.57 55.38 -3.44
N ASP C 116 -12.53 54.89 -4.11
CA ASP C 116 -12.73 53.89 -5.14
C ASP C 116 -12.35 52.52 -4.58
N GLN C 117 -13.13 51.50 -4.92
CA GLN C 117 -12.85 50.14 -4.49
C GLN C 117 -11.68 49.55 -5.28
N ALA C 118 -11.22 50.31 -6.27
CA ALA C 118 -10.09 49.97 -7.11
C ALA C 118 -8.78 50.52 -6.57
N SER C 119 -8.85 51.25 -5.45
CA SER C 119 -7.61 51.75 -4.83
C SER C 119 -7.19 50.85 -3.67
N ILE C 120 -7.84 49.69 -3.59
CA ILE C 120 -7.35 48.66 -2.67
C ILE C 120 -6.37 47.76 -3.44
N PRO C 121 -5.12 47.84 -3.02
CA PRO C 121 -4.04 47.05 -3.58
C PRO C 121 -4.40 45.59 -3.85
N GLU C 122 -4.35 44.79 -2.81
CA GLU C 122 -4.42 43.35 -2.74
C GLU C 122 -5.60 42.71 -3.48
N LEU C 123 -6.54 43.50 -3.97
CA LEU C 123 -7.71 42.95 -4.64
C LEU C 123 -7.34 42.25 -5.94
N ASN C 124 -6.85 41.02 -5.87
CA ASN C 124 -6.48 40.33 -7.10
C ASN C 124 -6.03 38.91 -6.80
N ILE C 125 -5.99 38.08 -7.84
CA ILE C 125 -5.68 36.67 -7.76
C ILE C 125 -4.34 36.36 -7.11
N TYR C 126 -3.47 37.35 -6.93
CA TYR C 126 -2.21 37.07 -6.23
C TYR C 126 -2.34 37.46 -4.77
N GLN C 127 -3.26 38.36 -4.47
CA GLN C 127 -3.37 38.87 -3.11
C GLN C 127 -4.73 38.63 -2.49
N CYS C 128 -5.65 37.94 -3.17
CA CYS C 128 -6.94 37.61 -2.57
C CYS C 128 -7.53 36.34 -3.17
N GLY C 129 -7.96 35.42 -2.30
CA GLY C 129 -8.54 34.15 -2.69
C GLY C 129 -9.95 34.30 -3.25
N SER C 130 -10.46 35.52 -3.19
CA SER C 130 -11.78 35.87 -3.72
C SER C 130 -11.83 37.35 -4.04
N TYR C 131 -10.97 37.76 -4.98
CA TYR C 131 -10.81 39.17 -5.32
C TYR C 131 -12.05 39.79 -5.96
N THR C 132 -13.09 39.00 -6.21
CA THR C 132 -14.33 39.48 -6.79
C THR C 132 -15.44 39.68 -5.75
N GLU C 133 -15.38 38.91 -4.67
CA GLU C 133 -16.36 39.00 -3.60
C GLU C 133 -16.12 40.21 -2.72
N HIS C 134 -16.38 41.40 -3.27
CA HIS C 134 -16.20 42.60 -2.47
C HIS C 134 -17.29 43.63 -2.75
N SER C 135 -17.41 44.62 -1.88
CA SER C 135 -18.39 45.68 -2.00
C SER C 135 -18.06 46.87 -1.08
N LEU C 136 -17.46 47.91 -1.65
CA LEU C 136 -17.07 49.08 -0.87
C LEU C 136 -18.28 49.89 -0.44
N GLU C 137 -19.37 49.87 -1.21
CA GLU C 137 -20.53 50.63 -0.77
C GLU C 137 -21.22 49.88 0.37
N ASP C 138 -20.81 48.63 0.53
CA ASP C 138 -21.36 47.81 1.61
C ASP C 138 -20.64 48.13 2.92
N ALA C 139 -19.32 48.05 2.92
CA ALA C 139 -18.53 48.38 4.10
C ALA C 139 -18.70 49.84 4.47
N HIS C 140 -18.82 50.68 3.44
CA HIS C 140 -19.17 52.09 3.60
C HIS C 140 -20.52 52.23 4.29
N GLU C 141 -21.50 51.54 3.71
CA GLU C 141 -22.85 51.42 4.24
C GLU C 141 -22.83 51.20 5.74
N ILE C 142 -22.04 50.22 6.16
CA ILE C 142 -22.01 49.78 7.55
C ILE C 142 -21.08 50.61 8.43
N ALA C 143 -20.22 51.43 7.84
CA ALA C 143 -19.38 52.27 8.70
C ALA C 143 -20.18 53.44 9.27
N LYS C 144 -20.86 54.18 8.40
CA LYS C 144 -21.66 55.31 8.86
C LYS C 144 -22.79 54.84 9.78
N ASN C 145 -23.37 53.69 9.49
CA ASN C 145 -24.44 53.17 10.34
C ASN C 145 -23.88 52.73 11.69
N VAL C 146 -22.66 52.21 11.69
CA VAL C 146 -21.97 51.88 12.94
C VAL C 146 -21.56 53.17 13.65
N ILE C 147 -21.33 54.22 12.87
CA ILE C 147 -20.95 55.49 13.47
C ILE C 147 -22.18 56.23 13.99
N ALA C 148 -23.27 55.98 13.28
CA ALA C 148 -24.57 56.58 13.49
C ALA C 148 -25.30 56.05 14.72
N ARG C 149 -24.92 54.89 15.22
CA ARG C 149 -25.58 54.30 16.38
C ARG C 149 -24.73 54.45 17.63
N GLY C 150 -23.43 54.26 17.44
CA GLY C 150 -22.50 54.31 18.55
C GLY C 150 -22.16 52.90 19.04
N ILE C 151 -20.87 52.68 19.27
CA ILE C 151 -20.41 51.38 19.77
C ILE C 151 -20.52 51.33 21.29
N GLY C 152 -21.44 50.49 21.75
CA GLY C 152 -21.69 50.30 23.16
C GLY C 152 -20.72 49.26 23.69
N VAL C 153 -21.11 48.63 24.78
CA VAL C 153 -20.40 47.64 25.55
C VAL C 153 -21.34 46.60 26.13
N ASN C 154 -21.00 45.32 26.00
CA ASN C 154 -21.65 44.24 26.72
C ASN C 154 -20.65 43.64 27.70
N LYS C 155 -21.03 43.50 28.97
CA LYS C 155 -20.12 42.84 29.91
C LYS C 155 -20.60 41.40 30.12
N ASN C 156 -19.66 40.46 30.17
CA ASN C 156 -20.02 39.04 30.31
C ASN C 156 -20.58 38.75 31.70
N VAL D 9 1.82 37.06 0.22
CA VAL D 9 2.06 35.70 -0.29
C VAL D 9 1.19 35.45 -1.52
N ASP D 10 1.71 34.63 -2.42
CA ASP D 10 1.11 34.32 -3.71
C ASP D 10 -0.05 33.34 -3.61
N HIS D 11 -1.22 33.76 -4.08
CA HIS D 11 -2.38 32.87 -4.04
C HIS D 11 -2.39 31.97 -5.28
N THR D 12 -1.64 32.41 -6.28
CA THR D 12 -1.48 31.66 -7.52
C THR D 12 -0.32 30.68 -7.43
N LYS D 13 -0.15 30.12 -6.23
CA LYS D 13 0.94 29.18 -5.96
C LYS D 13 0.63 28.33 -4.72
N MET D 14 -0.54 28.55 -4.11
CA MET D 14 -0.90 27.73 -2.96
C MET D 14 -1.47 26.37 -3.37
N ASN D 15 -1.10 25.34 -2.63
CA ASN D 15 -1.69 24.01 -2.78
C ASN D 15 -2.88 23.86 -1.85
N ALA D 16 -3.92 23.13 -2.24
CA ALA D 16 -5.09 23.07 -1.36
C ALA D 16 -5.92 21.82 -1.58
N PRO D 17 -6.37 21.12 -0.55
CA PRO D 17 -6.20 21.48 0.87
C PRO D 17 -4.78 21.28 1.38
N ALA D 18 -4.35 22.23 2.19
CA ALA D 18 -3.00 22.39 2.70
C ALA D 18 -2.97 23.23 3.97
N VAL D 19 -1.89 23.09 4.75
CA VAL D 19 -1.76 23.90 5.95
C VAL D 19 -0.51 24.78 5.87
N ARG D 20 -0.63 26.03 6.31
CA ARG D 20 0.53 26.92 6.29
C ARG D 20 0.63 27.75 7.57
N ILE D 21 1.81 27.81 8.16
CA ILE D 21 2.03 28.73 9.28
C ILE D 21 2.04 30.16 8.74
N ALA D 22 1.03 30.92 9.11
CA ALA D 22 0.88 32.29 8.62
C ALA D 22 1.83 33.25 9.33
N LYS D 23 2.12 32.93 10.59
CA LYS D 23 3.02 33.73 11.40
C LYS D 23 3.15 33.19 12.82
N THR D 24 4.37 33.32 13.35
CA THR D 24 4.56 32.99 14.76
C THR D 24 4.75 34.30 15.53
N MET D 25 4.52 34.28 16.83
CA MET D 25 4.66 35.50 17.62
C MET D 25 5.30 35.23 18.97
N LEU D 26 5.89 36.28 19.53
CA LEU D 26 6.58 36.19 20.81
C LEU D 26 6.10 37.28 21.76
N THR D 27 5.54 36.82 22.87
CA THR D 27 5.05 37.70 23.92
C THR D 27 6.21 38.20 24.77
N PRO D 28 6.00 39.28 25.52
CA PRO D 28 7.05 39.82 26.38
C PRO D 28 7.69 38.76 27.29
N LYS D 29 6.86 37.91 27.89
CA LYS D 29 7.42 36.93 28.83
C LYS D 29 7.78 35.64 28.10
N GLY D 30 8.35 35.80 26.91
CA GLY D 30 8.88 34.76 26.07
C GLY D 30 7.98 33.56 25.86
N ASP D 31 6.79 33.81 25.31
CA ASP D 31 5.87 32.75 24.95
C ASP D 31 5.57 32.82 23.45
N ASN D 32 5.07 31.73 22.88
CA ASN D 32 4.83 31.85 21.44
C ASN D 32 3.36 31.69 21.10
N ILE D 33 2.84 32.67 20.34
CA ILE D 33 1.55 32.57 19.68
C ILE D 33 1.79 32.20 18.22
N THR D 34 0.99 31.29 17.70
CA THR D 34 1.21 30.87 16.30
C THR D 34 -0.09 30.89 15.53
N VAL D 35 -0.04 31.50 14.35
CA VAL D 35 -1.26 31.53 13.54
C VAL D 35 -1.07 30.62 12.33
N PHE D 36 -2.12 29.91 11.94
CA PHE D 36 -2.03 29.05 10.77
C PHE D 36 -3.09 29.43 9.74
N ASP D 37 -2.70 29.25 8.49
CA ASP D 37 -3.55 29.34 7.31
C ASP D 37 -4.04 27.95 6.96
N LEU D 38 -5.30 27.65 7.28
CA LEU D 38 -5.85 26.35 6.93
C LEU D 38 -6.74 26.45 5.68
N ARG D 39 -6.10 26.66 4.55
CA ARG D 39 -6.68 26.77 3.22
C ARG D 39 -7.43 25.50 2.84
N PHE D 40 -8.70 25.63 2.50
CA PHE D 40 -9.60 24.56 2.12
C PHE D 40 -9.72 24.43 0.59
N CYS D 41 -10.12 25.53 -0.04
CA CYS D 41 -10.34 25.73 -1.45
C CYS D 41 -9.17 26.38 -2.18
N ILE D 42 -9.11 26.16 -3.48
CA ILE D 42 -8.06 26.77 -4.28
C ILE D 42 -8.40 28.23 -4.56
N PRO D 43 -7.55 29.15 -4.13
CA PRO D 43 -7.89 30.58 -4.19
C PRO D 43 -8.24 31.02 -5.62
N ASN D 44 -9.51 31.38 -5.78
CA ASN D 44 -10.11 31.87 -7.00
C ASN D 44 -10.40 30.74 -7.99
N LYS D 45 -10.45 29.51 -7.47
CA LYS D 45 -10.85 28.36 -8.28
C LYS D 45 -12.14 27.80 -7.68
N GLU D 46 -12.17 27.86 -6.35
CA GLU D 46 -13.31 27.45 -5.56
C GLU D 46 -13.52 28.42 -4.39
N ILE D 47 -14.74 28.41 -3.88
CA ILE D 47 -15.16 29.17 -2.72
C ILE D 47 -16.09 28.31 -1.87
N LEU D 48 -16.29 28.72 -0.64
CA LEU D 48 -17.07 28.09 0.41
C LEU D 48 -18.37 28.84 0.70
N SER D 49 -19.52 28.17 0.59
CA SER D 49 -20.80 28.83 0.84
C SER D 49 -20.89 29.40 2.26
N PRO D 50 -21.56 30.54 2.37
CA PRO D 50 -21.74 31.26 3.63
C PRO D 50 -22.30 30.38 4.74
N LYS D 51 -23.43 29.76 4.49
CA LYS D 51 -24.01 28.80 5.43
C LYS D 51 -23.02 27.64 5.64
N GLY D 52 -22.49 27.14 4.54
CA GLY D 52 -21.54 26.03 4.59
C GLY D 52 -20.40 26.31 5.55
N ILE D 53 -19.74 27.44 5.41
CA ILE D 53 -18.63 27.76 6.32
C ILE D 53 -19.14 28.01 7.74
N HIS D 54 -20.40 28.38 7.90
CA HIS D 54 -20.95 28.67 9.23
C HIS D 54 -21.11 27.40 10.08
N THR D 55 -21.55 26.33 9.44
CA THR D 55 -21.69 25.01 10.05
C THR D 55 -20.33 24.41 10.37
N LEU D 56 -19.46 24.38 9.37
CA LEU D 56 -18.10 23.88 9.50
C LEU D 56 -17.43 24.45 10.74
N GLU D 57 -17.61 25.74 10.91
CA GLU D 57 -17.05 26.54 11.99
C GLU D 57 -17.35 25.94 13.35
N HIS D 58 -18.60 25.60 13.61
CA HIS D 58 -19.04 25.11 14.91
C HIS D 58 -18.46 23.75 15.24
N LEU D 59 -18.42 22.88 14.25
CA LEU D 59 -17.87 21.55 14.46
C LEU D 59 -16.35 21.56 14.43
N PHE D 60 -15.80 22.03 13.31
CA PHE D 60 -14.36 22.16 13.10
C PHE D 60 -13.68 22.74 14.33
N ALA D 61 -14.17 23.86 14.84
CA ALA D 61 -13.50 24.46 16.00
C ALA D 61 -13.56 23.54 17.22
N GLY D 62 -14.76 23.01 17.47
CA GLY D 62 -15.02 22.11 18.57
C GLY D 62 -14.14 20.88 18.56
N PHE D 63 -13.88 20.31 17.39
CA PHE D 63 -13.03 19.12 17.31
C PHE D 63 -11.56 19.52 17.16
N MET D 64 -11.30 20.68 16.56
CA MET D 64 -9.89 21.04 16.43
C MET D 64 -9.33 21.21 17.84
N ARG D 65 -10.13 21.94 18.62
CA ARG D 65 -9.84 22.06 20.05
C ARG D 65 -9.76 20.66 20.64
N ASP D 66 -10.60 19.75 20.13
CA ASP D 66 -10.48 18.36 20.57
C ASP D 66 -9.05 17.88 20.29
N HIS D 67 -8.83 17.39 19.08
CA HIS D 67 -7.62 16.80 18.56
C HIS D 67 -6.32 17.58 18.75
N LEU D 68 -6.36 18.91 18.62
CA LEU D 68 -5.13 19.68 18.63
C LEU D 68 -4.71 20.16 20.02
N ASN D 69 -5.67 20.43 20.89
CA ASN D 69 -5.40 20.97 22.22
C ASN D 69 -4.47 20.08 23.03
N GLY D 70 -3.45 20.69 23.63
CA GLY D 70 -2.49 19.99 24.45
C GLY D 70 -2.03 20.76 25.67
N ASP D 71 -1.12 20.14 26.43
CA ASP D 71 -0.55 20.79 27.60
C ASP D 71 0.17 22.06 27.16
N SER D 72 0.68 22.01 25.93
CA SER D 72 1.49 23.04 25.32
C SER D 72 0.83 23.65 24.08
N ILE D 73 -0.48 23.48 23.94
CA ILE D 73 -1.15 24.09 22.79
C ILE D 73 -2.56 24.52 23.16
N GLU D 74 -2.79 25.83 23.12
CA GLU D 74 -4.12 26.33 23.43
C GLU D 74 -4.72 27.01 22.21
N ILE D 75 -5.88 26.54 21.76
CA ILE D 75 -6.50 27.22 20.63
C ILE D 75 -7.02 28.59 21.03
N ILE D 76 -6.44 29.65 20.46
CA ILE D 76 -7.09 30.96 20.66
C ILE D 76 -8.46 30.90 19.99
N ASP D 77 -8.47 30.57 18.70
CA ASP D 77 -9.72 30.45 17.97
C ASP D 77 -9.51 30.12 16.49
N ILE D 78 -10.49 29.45 15.89
CA ILE D 78 -10.45 29.24 14.44
C ILE D 78 -11.50 30.14 13.78
N SER D 79 -11.11 30.86 12.73
CA SER D 79 -12.10 31.77 12.15
C SER D 79 -12.18 31.62 10.63
N PRO D 80 -13.41 31.71 10.13
CA PRO D 80 -13.61 31.67 8.67
C PRO D 80 -13.01 32.92 8.03
N MET D 81 -12.31 32.79 6.90
CA MET D 81 -11.83 34.02 6.28
C MET D 81 -12.90 34.60 5.36
N GLY D 82 -12.90 35.91 5.20
CA GLY D 82 -13.88 36.59 4.37
C GLY D 82 -13.89 36.12 2.94
N CYS D 83 -12.73 35.73 2.40
CA CYS D 83 -12.72 35.25 1.01
C CYS D 83 -13.34 33.86 0.92
N ARG D 84 -13.53 33.21 2.06
CA ARG D 84 -14.20 31.92 2.18
C ARG D 84 -13.49 30.77 1.49
N THR D 85 -12.16 30.74 1.56
CA THR D 85 -11.43 29.58 1.03
C THR D 85 -10.76 28.84 2.19
N GLY D 86 -11.17 29.16 3.43
CA GLY D 86 -10.58 28.49 4.57
C GLY D 86 -10.62 29.28 5.84
N PHE D 87 -9.86 28.80 6.83
CA PHE D 87 -9.88 29.42 8.15
C PHE D 87 -8.49 29.73 8.67
N TYR D 88 -8.45 30.75 9.53
CA TYR D 88 -7.24 31.04 10.30
C TYR D 88 -7.39 30.54 11.73
N MET D 89 -6.37 29.83 12.19
CA MET D 89 -6.29 29.44 13.59
C MET D 89 -5.05 30.03 14.24
N SER D 90 -5.27 30.80 15.30
CA SER D 90 -4.25 31.33 16.19
C SER D 90 -4.17 30.43 17.43
N LEU D 91 -2.97 30.21 17.95
CA LEU D 91 -2.92 29.29 19.09
C LEU D 91 -1.83 29.64 20.07
N ILE D 92 -2.11 29.35 21.35
CA ILE D 92 -0.99 29.47 22.29
C ILE D 92 -0.24 28.13 22.28
N GLY D 93 0.87 28.12 21.57
CA GLY D 93 1.73 26.97 21.40
C GLY D 93 2.45 27.06 20.06
N THR D 94 3.11 25.98 19.66
CA THR D 94 3.82 25.99 18.38
C THR D 94 3.91 24.60 17.78
N PRO D 95 2.78 23.95 17.52
CA PRO D 95 2.87 22.63 16.89
C PRO D 95 3.47 22.77 15.50
N ASN D 96 3.58 21.69 14.75
CA ASN D 96 4.16 21.79 13.41
C ASN D 96 3.07 21.63 12.37
N GLU D 97 3.45 21.82 11.10
CA GLU D 97 2.50 21.62 10.02
C GLU D 97 1.87 20.23 10.12
N GLN D 98 2.70 19.21 10.36
CA GLN D 98 2.16 17.85 10.42
C GLN D 98 1.05 17.74 11.46
N LYS D 99 1.34 18.18 12.67
CA LYS D 99 0.45 18.09 13.81
C LYS D 99 -0.88 18.81 13.59
N VAL D 100 -0.98 19.65 12.56
CA VAL D 100 -2.17 20.44 12.26
C VAL D 100 -2.98 19.86 11.11
N SER D 101 -2.35 19.39 10.04
CA SER D 101 -3.15 18.67 9.04
C SER D 101 -3.82 17.46 9.70
N GLU D 102 -3.03 16.78 10.51
CA GLU D 102 -3.50 15.57 11.19
C GLU D 102 -4.75 15.84 12.03
N ALA D 103 -4.76 17.00 12.68
CA ALA D 103 -5.93 17.36 13.47
C ALA D 103 -7.09 17.72 12.54
N TRP D 104 -6.78 18.52 11.53
CA TRP D 104 -7.81 18.95 10.57
C TRP D 104 -8.42 17.71 9.92
N LEU D 105 -7.57 16.76 9.51
CA LEU D 105 -8.11 15.53 8.94
C LEU D 105 -9.10 14.88 9.91
N ALA D 106 -8.60 14.56 11.10
CA ALA D 106 -9.41 13.96 12.15
C ALA D 106 -10.78 14.63 12.28
N SER D 107 -10.76 15.93 12.59
CA SER D 107 -11.97 16.73 12.63
C SER D 107 -12.82 16.51 11.38
N MET D 108 -12.19 16.46 10.21
CA MET D 108 -12.98 16.20 9.00
C MET D 108 -13.72 14.89 9.11
N GLN D 109 -13.07 13.92 9.76
CA GLN D 109 -13.71 12.64 10.05
C GLN D 109 -14.93 12.85 10.94
N ASP D 110 -14.73 13.73 11.91
CA ASP D 110 -15.70 14.10 12.93
C ASP D 110 -16.92 14.80 12.37
N VAL D 111 -16.71 15.85 11.58
CA VAL D 111 -17.83 16.61 11.06
C VAL D 111 -18.85 15.74 10.33
N LEU D 112 -18.33 14.73 9.65
CA LEU D 112 -19.14 13.74 8.94
C LEU D 112 -19.96 12.95 9.97
N GLY D 113 -19.31 12.66 11.10
CA GLY D 113 -19.93 11.99 12.23
C GLY D 113 -21.14 12.74 12.76
N VAL D 114 -21.24 14.03 12.46
CA VAL D 114 -22.39 14.83 12.84
C VAL D 114 -23.48 14.71 11.77
N GLN D 115 -24.60 14.10 12.16
CA GLN D 115 -25.62 13.71 11.19
C GLN D 115 -26.60 14.85 10.91
N ASP D 116 -27.44 15.13 11.89
CA ASP D 116 -28.50 16.12 11.79
C ASP D 116 -28.17 17.41 12.52
N GLN D 117 -28.60 18.53 11.93
CA GLN D 117 -28.39 19.85 12.51
C GLN D 117 -28.93 19.89 13.93
N ALA D 118 -29.95 19.11 14.22
CA ALA D 118 -30.46 18.89 15.57
C ALA D 118 -29.35 18.42 16.49
N SER D 119 -28.37 17.71 15.92
CA SER D 119 -27.19 17.24 16.61
C SER D 119 -26.13 18.35 16.75
N ILE D 120 -26.60 19.59 16.79
CA ILE D 120 -25.87 20.82 16.98
C ILE D 120 -26.67 21.74 17.90
N PRO D 121 -26.36 21.62 19.19
CA PRO D 121 -27.08 22.31 20.26
C PRO D 121 -27.35 23.80 20.00
N GLU D 122 -26.32 24.62 20.08
CA GLU D 122 -26.33 26.06 20.03
C GLU D 122 -27.03 26.70 18.83
N LEU D 123 -27.50 25.90 17.87
CA LEU D 123 -28.23 26.43 16.73
C LEU D 123 -29.54 27.05 17.22
N ASN D 124 -29.41 28.24 17.79
CA ASN D 124 -30.56 28.89 18.42
C ASN D 124 -30.20 30.32 18.81
N ILE D 125 -31.16 31.00 19.39
CA ILE D 125 -31.11 32.40 19.79
C ILE D 125 -30.20 32.65 21.00
N TYR D 126 -30.21 31.73 21.96
CA TYR D 126 -29.40 31.91 23.17
C TYR D 126 -27.97 31.46 22.97
N GLN D 127 -27.64 31.01 21.76
CA GLN D 127 -26.32 30.47 21.49
C GLN D 127 -25.85 30.78 20.07
N CYS D 128 -26.72 31.29 19.19
CA CYS D 128 -26.23 31.64 17.85
C CYS D 128 -26.65 33.05 17.42
N GLY D 129 -25.76 33.73 16.71
CA GLY D 129 -25.96 35.10 16.29
C GLY D 129 -26.90 35.28 15.12
N SER D 130 -26.99 34.29 14.25
CA SER D 130 -27.93 34.21 13.14
C SER D 130 -28.15 32.73 12.82
N TYR D 131 -28.76 32.06 13.78
CA TYR D 131 -28.87 30.62 13.93
C TYR D 131 -29.53 29.91 12.76
N THR D 132 -30.17 30.62 11.83
CA THR D 132 -30.69 29.87 10.68
C THR D 132 -29.74 30.02 9.48
N GLU D 133 -28.51 30.47 9.71
CA GLU D 133 -27.59 30.65 8.59
C GLU D 133 -26.47 29.64 8.60
N HIS D 134 -26.84 28.36 8.62
CA HIS D 134 -25.90 27.26 8.51
C HIS D 134 -26.41 26.25 7.47
N SER D 135 -25.54 25.36 7.03
CA SER D 135 -25.92 24.31 6.10
C SER D 135 -25.14 23.03 6.39
N LEU D 136 -25.71 22.17 7.23
CA LEU D 136 -25.03 20.93 7.58
C LEU D 136 -24.65 20.14 6.33
N GLU D 137 -25.55 20.11 5.36
CA GLU D 137 -25.24 19.40 4.11
C GLU D 137 -23.97 19.98 3.52
N ASP D 138 -23.92 21.31 3.50
CA ASP D 138 -22.80 22.02 2.89
C ASP D 138 -21.49 21.66 3.58
N ALA D 139 -21.56 21.58 4.90
CA ALA D 139 -20.42 21.33 5.77
C ALA D 139 -19.83 19.94 5.52
N HIS D 140 -20.71 19.04 5.09
CA HIS D 140 -20.45 17.65 4.80
C HIS D 140 -19.84 17.49 3.41
N GLU D 141 -20.43 18.17 2.42
CA GLU D 141 -19.85 18.07 1.07
C GLU D 141 -18.43 18.63 1.10
N ILE D 142 -18.19 19.57 2.01
CA ILE D 142 -16.88 20.19 2.17
C ILE D 142 -15.94 19.22 2.88
N ALA D 143 -16.50 18.42 3.79
CA ALA D 143 -15.75 17.39 4.48
C ALA D 143 -15.32 16.29 3.52
N LYS D 144 -16.15 15.99 2.52
CA LYS D 144 -15.78 14.99 1.53
C LYS D 144 -14.53 15.43 0.76
N ASN D 145 -14.65 16.57 0.12
CA ASN D 145 -13.69 17.31 -0.68
C ASN D 145 -12.27 17.17 -0.15
N VAL D 146 -12.04 17.62 1.08
CA VAL D 146 -10.71 17.63 1.68
C VAL D 146 -10.23 16.22 2.00
N ILE D 147 -11.17 15.41 2.50
CA ILE D 147 -10.86 14.04 2.86
C ILE D 147 -10.35 13.31 1.61
N ALA D 148 -11.20 13.25 0.59
CA ALA D 148 -10.80 12.73 -0.70
C ALA D 148 -9.48 13.36 -1.15
N ARG D 149 -9.59 14.60 -1.63
CA ARG D 149 -8.48 15.39 -2.11
C ARG D 149 -7.22 15.24 -1.26
N GLY D 150 -7.37 15.16 0.06
CA GLY D 150 -6.19 15.08 0.93
C GLY D 150 -5.69 16.46 1.30
N ILE D 151 -4.84 16.58 2.31
CA ILE D 151 -4.34 17.88 2.72
C ILE D 151 -2.83 17.97 2.71
N GLY D 152 -2.27 18.81 1.83
CA GLY D 152 -0.81 18.97 1.81
C GLY D 152 -0.38 20.18 2.62
N VAL D 153 0.75 20.78 2.23
CA VAL D 153 1.29 21.94 2.90
C VAL D 153 1.63 23.08 1.95
N ASN D 154 1.82 24.26 2.52
CA ASN D 154 2.28 25.39 1.73
C ASN D 154 3.51 26.01 2.38
N LYS D 155 4.70 25.62 1.94
CA LYS D 155 5.89 26.29 2.47
C LYS D 155 5.76 27.78 2.19
N ASN D 156 5.88 28.62 3.20
CA ASN D 156 5.61 30.05 3.01
C ASN D 156 6.69 30.75 2.19
HG HG E . 8.57 -38.64 4.39
ZN ZN F . 20.20 -44.39 -11.48
HG HG G . 28.88 -31.69 -12.83
ZN ZN H . 11.70 -25.94 -3.61
HG HG I . -25.62 45.70 11.40
ZN ZN J . -9.55 38.55 1.39
HG HG K . -13.52 24.12 -1.65
ZN ZN L . -22.58 30.96 14.96
#